data_3GHZ
#
_entry.id   3GHZ
#
_cell.length_a   143.974
_cell.length_b   143.974
_cell.length_c   143.974
_cell.angle_alpha   90.000
_cell.angle_beta   90.000
_cell.angle_gamma   90.000
#
_symmetry.space_group_name_H-M   'I 2 3'
#
loop_
_entity.id
_entity.type
_entity.pdbx_description
1 polymer '2-C-methyl-D-erythritol 2,4-cyclodiphosphate synthase'
2 non-polymer GLYCEROL
3 non-polymer 'MAGNESIUM ION'
4 non-polymer 'PYROPHOSPHATE 2-'
5 water water
#
_entity_poly.entity_id   1
_entity_poly.type   'polypeptide(L)'
_entity_poly.pdbx_seq_one_letter_code
;SNAMRIGHGFDVHAFGGEGPIIIGGVRIPYEKGLLAHSDGDVALHALTDALLGAAALGDIGKLFPDTDPAFKGADSRELL
REAWRRIQAKGYTLGNVDVTIIAQAPKMLPHIPQMRVFIAEDLGCHMDEVNVKATTTEKLGFTGRGEGIACEAVALLMKA
AK
;
_entity_poly.pdbx_strand_id   A,B,C
#
loop_
_chem_comp.id
_chem_comp.type
_chem_comp.name
_chem_comp.formula
GOL non-polymer GLYCEROL 'C3 H8 O3'
MG non-polymer 'MAGNESIUM ION' 'Mg 2'
POP non-polymer 'PYROPHOSPHATE 2-' 'H2 O7 P2 -2'
#
# COMPACT_ATOMS: atom_id res chain seq x y z
N ALA A 3 19.56 8.59 -9.42
CA ALA A 3 19.08 8.34 -8.02
C ALA A 3 17.53 8.47 -7.88
N MET A 4 16.87 7.34 -7.64
CA MET A 4 15.42 7.26 -7.57
C MET A 4 14.96 7.06 -6.13
N ARG A 5 13.75 7.50 -5.80
CA ARG A 5 13.21 7.31 -4.45
C ARG A 5 11.74 6.94 -4.57
N ILE A 6 11.29 6.05 -3.69
CA ILE A 6 9.91 5.56 -3.64
CA ILE A 6 9.88 5.69 -3.69
C ILE A 6 9.16 6.12 -2.42
N GLY A 7 7.85 6.27 -2.55
CA GLY A 7 6.97 6.73 -1.51
C GLY A 7 5.59 6.11 -1.66
N HIS A 8 4.91 6.00 -0.51
CA HIS A 8 3.59 5.39 -0.36
C HIS A 8 2.73 6.32 0.47
N GLY A 9 1.45 6.49 0.08
CA GLY A 9 0.52 7.24 0.88
C GLY A 9 -0.82 6.57 1.04
N PHE A 10 -1.50 6.88 2.12
CA PHE A 10 -2.79 6.29 2.40
C PHE A 10 -3.64 7.30 3.16
N ASP A 11 -4.94 7.43 2.80
CA ASP A 11 -5.85 8.32 3.50
C ASP A 11 -7.28 7.78 3.44
N VAL A 12 -8.09 8.27 4.37
CA VAL A 12 -9.50 7.90 4.55
C VAL A 12 -10.29 9.11 5.01
N HIS A 13 -11.50 9.26 4.45
CA HIS A 13 -12.50 10.16 5.02
C HIS A 13 -13.85 9.46 5.11
N ALA A 14 -14.61 9.82 6.14
CA ALA A 14 -15.93 9.26 6.41
C ALA A 14 -16.92 10.10 5.62
N PHE A 15 -18.01 9.49 5.15
CA PHE A 15 -19.10 10.26 4.57
C PHE A 15 -19.92 10.96 5.65
N GLY A 16 -20.47 12.11 5.30
CA GLY A 16 -21.42 12.87 6.13
C GLY A 16 -21.76 14.15 5.36
N GLY A 17 -22.84 14.80 5.73
CA GLY A 17 -23.26 15.98 5.04
C GLY A 17 -23.77 15.66 3.62
N GLU A 18 -23.96 16.72 2.87
CA GLU A 18 -24.46 16.66 1.54
C GLU A 18 -23.31 16.66 0.55
N GLY A 19 -23.48 15.92 -0.52
CA GLY A 19 -22.58 15.98 -1.63
C GLY A 19 -22.44 17.40 -2.21
N PRO A 20 -21.55 17.60 -3.18
CA PRO A 20 -20.73 16.60 -3.80
C PRO A 20 -19.50 16.29 -2.94
N ILE A 21 -18.79 15.27 -3.38
CA ILE A 21 -17.53 14.95 -2.83
C ILE A 21 -16.47 15.51 -3.79
N ILE A 22 -15.26 15.69 -3.26
CA ILE A 22 -14.14 16.19 -4.05
C ILE A 22 -13.05 15.12 -3.98
N ILE A 23 -12.76 14.53 -5.13
CA ILE A 23 -11.76 13.51 -5.23
C ILE A 23 -10.90 13.78 -6.44
N GLY A 24 -9.58 13.83 -6.21
CA GLY A 24 -8.63 14.11 -7.27
C GLY A 24 -8.86 15.47 -7.87
N GLY A 25 -9.39 16.35 -7.04
CA GLY A 25 -9.79 17.69 -7.44
C GLY A 25 -11.18 17.89 -8.08
N VAL A 26 -11.81 16.79 -8.42
CA VAL A 26 -13.05 16.84 -9.18
C VAL A 26 -14.26 16.77 -8.26
N ARG A 27 -15.22 17.64 -8.52
CA ARG A 27 -16.48 17.61 -7.79
CA ARG A 27 -16.48 17.63 -7.80
C ARG A 27 -17.40 16.55 -8.41
N ILE A 28 -17.66 15.50 -7.66
CA ILE A 28 -18.43 14.35 -8.09
C ILE A 28 -19.75 14.36 -7.34
N PRO A 29 -20.88 14.30 -8.07
CA PRO A 29 -22.17 14.30 -7.41
C PRO A 29 -22.35 13.05 -6.59
N TYR A 30 -22.94 13.19 -5.43
CA TYR A 30 -23.23 12.04 -4.60
C TYR A 30 -24.22 12.49 -3.54
N GLU A 31 -24.94 11.52 -3.00
CA GLU A 31 -25.95 11.78 -2.01
CA GLU A 31 -25.96 11.74 -1.98
C GLU A 31 -25.36 12.28 -0.68
N LYS A 32 -24.03 12.12 -0.49
CA LYS A 32 -23.37 12.52 0.74
C LYS A 32 -22.07 13.20 0.42
N GLY A 33 -21.57 14.00 1.36
CA GLY A 33 -20.27 14.69 1.26
C GLY A 33 -19.24 13.87 2.06
N LEU A 34 -18.02 14.35 2.17
CA LEU A 34 -17.04 13.74 3.05
C LEU A 34 -16.81 14.65 4.27
N LEU A 35 -16.79 14.08 5.49
CA LEU A 35 -16.43 14.85 6.69
C LEU A 35 -14.90 15.01 6.71
N ALA A 36 -14.46 16.26 6.79
CA ALA A 36 -13.04 16.55 6.81
C ALA A 36 -12.80 17.97 7.25
N HIS A 37 -11.59 18.23 7.74
CA HIS A 37 -11.19 19.59 8.13
C HIS A 37 -10.98 20.37 6.87
N SER A 38 -10.23 19.78 5.95
CA SER A 38 -10.02 20.35 4.65
C SER A 38 -11.28 20.05 3.79
N ASP A 39 -11.14 20.21 2.47
CA ASP A 39 -12.20 19.79 1.55
C ASP A 39 -12.44 18.29 1.48
N GLY A 40 -11.58 17.49 2.12
CA GLY A 40 -11.77 16.03 2.20
C GLY A 40 -11.28 15.13 1.05
N ASP A 41 -10.41 15.67 0.20
CA ASP A 41 -9.93 14.97 -1.00
C ASP A 41 -8.90 13.86 -0.67
N VAL A 42 -9.43 12.68 -0.43
CA VAL A 42 -8.69 11.52 0.02
C VAL A 42 -7.63 11.17 -1.02
N ALA A 43 -7.93 11.36 -2.31
CA ALA A 43 -7.00 10.95 -3.32
C ALA A 43 -5.78 11.90 -3.27
N LEU A 44 -6.03 13.20 -3.22
CA LEU A 44 -4.92 14.13 -3.23
C LEU A 44 -4.07 13.98 -1.92
N HIS A 45 -4.73 13.69 -0.82
CA HIS A 45 -4.03 13.47 0.45
C HIS A 45 -3.09 12.31 0.32
N ALA A 46 -3.58 11.17 -0.15
CA ALA A 46 -2.73 10.01 -0.27
C ALA A 46 -1.57 10.29 -1.18
N LEU A 47 -1.85 10.98 -2.30
CA LEU A 47 -0.79 11.34 -3.28
C LEU A 47 0.26 12.25 -2.66
N THR A 48 -0.17 13.24 -1.90
CA THR A 48 0.75 14.18 -1.24
C THR A 48 1.65 13.42 -0.29
N ASP A 49 1.07 12.48 0.49
CA ASP A 49 1.89 11.67 1.39
C ASP A 49 2.90 10.79 0.68
N ALA A 50 2.55 10.21 -0.46
CA ALA A 50 3.47 9.38 -1.23
C ALA A 50 4.63 10.20 -1.70
N LEU A 51 4.34 11.44 -2.13
CA LEU A 51 5.34 12.33 -2.64
C LEU A 51 6.24 12.80 -1.53
N LEU A 52 5.64 13.19 -0.41
CA LEU A 52 6.46 13.59 0.75
C LEU A 52 7.27 12.44 1.29
N GLY A 53 6.71 11.24 1.22
CA GLY A 53 7.40 10.06 1.76
C GLY A 53 8.64 9.72 0.93
N ALA A 54 8.48 9.82 -0.37
CA ALA A 54 9.62 9.56 -1.31
C ALA A 54 10.74 10.58 -1.06
N ALA A 55 10.35 11.78 -0.64
CA ALA A 55 11.29 12.88 -0.45
C ALA A 55 11.83 12.89 0.98
N ALA A 56 11.33 12.00 1.83
CA ALA A 56 11.64 11.98 3.26
C ALA A 56 11.41 13.35 3.89
N LEU A 57 10.27 13.93 3.60
CA LEU A 57 9.85 15.16 4.24
C LEU A 57 8.64 15.00 5.19
N GLY A 58 8.50 13.82 5.78
CA GLY A 58 7.46 13.54 6.75
C GLY A 58 6.15 13.19 6.10
N ASP A 59 5.12 13.96 6.45
CA ASP A 59 3.75 13.68 6.04
C ASP A 59 2.79 14.84 6.15
N ILE A 60 1.57 14.68 5.60
CA ILE A 60 0.62 15.77 5.67
C ILE A 60 0.05 16.02 7.02
N GLY A 61 0.09 15.02 7.92
CA GLY A 61 -0.35 15.23 9.30
C GLY A 61 0.60 16.23 9.97
N LYS A 62 1.87 16.22 9.55
CA LYS A 62 2.86 17.11 10.11
C LYS A 62 2.77 18.45 9.39
N LEU A 63 2.70 18.44 8.06
CA LEU A 63 2.69 19.72 7.35
C LEU A 63 1.38 20.47 7.51
N PHE A 64 0.25 19.74 7.48
CA PHE A 64 -1.08 20.37 7.45
C PHE A 64 -2.04 19.81 8.50
N PRO A 65 -1.74 20.00 9.80
CA PRO A 65 -2.47 19.31 10.89
C PRO A 65 -3.91 19.81 11.02
N ASP A 66 -4.84 18.88 11.26
CA ASP A 66 -6.27 19.29 11.40
C ASP A 66 -6.55 20.20 12.56
N THR A 67 -5.64 20.22 13.54
CA THR A 67 -5.86 20.97 14.75
C THR A 67 -5.58 22.42 14.47
N ASP A 68 -5.01 22.69 13.29
CA ASP A 68 -4.73 24.04 12.91
C ASP A 68 -5.94 24.65 12.14
N PRO A 69 -6.63 25.66 12.73
CA PRO A 69 -7.83 26.17 12.04
C PRO A 69 -7.59 26.85 10.70
N ALA A 70 -6.34 27.23 10.39
CA ALA A 70 -5.98 27.77 9.11
C ALA A 70 -6.26 26.80 7.97
N PHE A 71 -6.28 25.51 8.24
CA PHE A 71 -6.56 24.56 7.16
C PHE A 71 -8.05 24.25 7.00
N LYS A 72 -8.90 24.88 7.80
CA LYS A 72 -10.31 24.51 7.72
C LYS A 72 -10.79 24.91 6.34
N GLY A 73 -11.42 23.98 5.63
CA GLY A 73 -11.96 24.25 4.28
C GLY A 73 -10.86 24.34 3.23
N ALA A 74 -9.63 23.94 3.56
CA ALA A 74 -8.53 24.05 2.61
C ALA A 74 -8.76 23.23 1.31
N ASP A 75 -8.35 23.81 0.18
CA ASP A 75 -8.35 23.13 -1.11
C ASP A 75 -7.16 22.17 -1.13
N SER A 76 -7.41 20.88 -1.29
CA SER A 76 -6.30 19.93 -1.23
C SER A 76 -5.35 20.03 -2.38
N ARG A 77 -5.71 20.78 -3.43
CA ARG A 77 -4.81 20.97 -4.55
C ARG A 77 -3.75 21.98 -4.13
N GLU A 78 -4.14 23.00 -3.34
CA GLU A 78 -3.18 23.97 -2.84
CA GLU A 78 -3.20 23.98 -2.80
C GLU A 78 -2.23 23.27 -1.86
N LEU A 79 -2.74 22.35 -1.04
CA LEU A 79 -1.87 21.54 -0.16
C LEU A 79 -0.85 20.72 -0.98
N LEU A 80 -1.31 20.04 -2.04
CA LEU A 80 -0.45 19.26 -2.93
C LEU A 80 0.60 20.15 -3.54
N ARG A 81 0.17 21.31 -4.06
CA ARG A 81 1.11 22.24 -4.67
C ARG A 81 2.13 22.73 -3.64
N GLU A 82 1.69 23.04 -2.42
CA GLU A 82 2.63 23.46 -1.37
C GLU A 82 3.64 22.37 -1.08
N ALA A 83 3.16 21.15 -0.91
CA ALA A 83 4.08 20.00 -0.67
C ALA A 83 5.10 19.87 -1.83
N TRP A 84 4.60 19.97 -3.05
CA TRP A 84 5.40 19.72 -4.21
C TRP A 84 6.46 20.83 -4.42
N ARG A 85 6.11 22.05 -4.05
CA ARG A 85 7.11 23.12 -3.99
C ARG A 85 8.28 22.74 -3.09
N ARG A 86 8.01 22.20 -1.90
CA ARG A 86 9.06 21.80 -0.97
C ARG A 86 9.88 20.63 -1.53
N ILE A 87 9.21 19.71 -2.21
CA ILE A 87 9.85 18.52 -2.72
C ILE A 87 10.79 18.90 -3.85
N GLN A 88 10.29 19.67 -4.81
CA GLN A 88 11.15 20.19 -5.86
C GLN A 88 12.31 21.03 -5.34
N ALA A 89 12.06 21.87 -4.34
CA ALA A 89 13.18 22.67 -3.78
C ALA A 89 14.28 21.74 -3.31
N LYS A 90 13.92 20.57 -2.78
CA LYS A 90 14.90 19.60 -2.26
C LYS A 90 15.67 18.82 -3.34
N GLY A 91 15.44 19.18 -4.61
CA GLY A 91 16.21 18.64 -5.74
C GLY A 91 15.49 17.56 -6.55
N TYR A 92 14.21 17.34 -6.29
CA TYR A 92 13.52 16.23 -6.93
C TYR A 92 12.70 16.64 -8.14
N THR A 93 12.68 15.73 -9.12
CA THR A 93 11.73 15.80 -10.20
C THR A 93 10.93 14.50 -10.22
N LEU A 94 9.75 14.60 -10.80
CA LEU A 94 8.82 13.51 -10.86
C LEU A 94 9.29 12.38 -11.79
N GLY A 95 9.19 11.14 -11.32
CA GLY A 95 9.28 9.99 -12.23
C GLY A 95 7.84 9.70 -12.62
N ASN A 96 7.04 9.17 -11.70
CA ASN A 96 5.62 8.91 -11.96
C ASN A 96 4.87 8.70 -10.67
N VAL A 97 3.53 8.84 -10.72
CA VAL A 97 2.66 8.49 -9.63
C VAL A 97 1.52 7.58 -10.09
N ASP A 98 1.05 6.75 -9.17
CA ASP A 98 -0.05 5.85 -9.42
C ASP A 98 -0.94 5.95 -8.18
N VAL A 99 -2.24 6.17 -8.40
CA VAL A 99 -3.16 6.40 -7.30
C VAL A 99 -4.22 5.35 -7.40
N THR A 100 -4.65 4.80 -6.27
CA THR A 100 -5.68 3.78 -6.24
C THR A 100 -6.78 4.23 -5.27
N ILE A 101 -7.92 4.62 -5.84
CA ILE A 101 -9.08 4.99 -5.05
C ILE A 101 -9.88 3.74 -4.70
N ILE A 102 -10.23 3.61 -3.42
CA ILE A 102 -10.94 2.48 -2.90
C ILE A 102 -12.32 2.95 -2.41
N ALA A 103 -13.37 2.63 -3.16
CA ALA A 103 -14.73 3.14 -2.88
C ALA A 103 -15.76 2.26 -3.50
N GLN A 104 -16.87 2.06 -2.80
CA GLN A 104 -17.98 1.30 -3.31
C GLN A 104 -18.78 2.12 -4.30
N ALA A 105 -18.79 3.43 -4.10
CA ALA A 105 -19.64 4.42 -4.79
C ALA A 105 -19.18 5.80 -4.29
N PRO A 106 -19.35 6.84 -5.10
CA PRO A 106 -19.93 6.89 -6.46
C PRO A 106 -18.93 6.30 -7.45
N LYS A 107 -19.31 6.16 -8.70
CA LYS A 107 -18.46 5.60 -9.73
C LYS A 107 -17.37 6.61 -10.06
N MET A 108 -16.13 6.16 -10.04
CA MET A 108 -14.98 7.06 -10.25
C MET A 108 -14.44 7.12 -11.69
N LEU A 109 -14.56 6.04 -12.43
CA LEU A 109 -13.95 5.99 -13.75
C LEU A 109 -14.35 7.19 -14.64
N PRO A 110 -15.61 7.73 -14.54
CA PRO A 110 -15.91 8.83 -15.44
C PRO A 110 -15.11 10.08 -15.15
N HIS A 111 -14.61 10.17 -13.92
CA HIS A 111 -13.95 11.36 -13.41
C HIS A 111 -12.44 11.30 -13.51
N ILE A 112 -11.91 10.12 -13.79
CA ILE A 112 -10.44 9.88 -13.72
C ILE A 112 -9.72 10.73 -14.73
N PRO A 113 -10.26 10.90 -15.94
CA PRO A 113 -9.54 11.76 -16.89
C PRO A 113 -9.33 13.17 -16.43
N GLN A 114 -10.33 13.78 -15.81
CA GLN A 114 -10.18 15.15 -15.30
C GLN A 114 -9.29 15.20 -14.02
N MET A 115 -9.32 14.17 -13.20
CA MET A 115 -8.38 14.07 -12.09
C MET A 115 -6.94 14.11 -12.61
N ARG A 116 -6.66 13.38 -13.71
CA ARG A 116 -5.31 13.32 -14.24
C ARG A 116 -4.89 14.66 -14.73
N VAL A 117 -5.85 15.38 -15.33
CA VAL A 117 -5.57 16.73 -15.79
C VAL A 117 -5.14 17.62 -14.63
N PHE A 118 -5.93 17.62 -13.54
CA PHE A 118 -5.64 18.45 -12.40
C PHE A 118 -4.30 18.08 -11.73
N ILE A 119 -4.05 16.78 -11.55
CA ILE A 119 -2.82 16.33 -10.90
C ILE A 119 -1.63 16.73 -11.75
N ALA A 120 -1.69 16.49 -13.07
CA ALA A 120 -0.59 16.82 -13.95
C ALA A 120 -0.31 18.33 -13.96
N GLU A 121 -1.37 19.13 -13.89
CA GLU A 121 -1.20 20.57 -13.80
C GLU A 121 -0.46 20.91 -12.50
N ASP A 122 -0.93 20.36 -11.38
CA ASP A 122 -0.39 20.68 -10.09
C ASP A 122 1.08 20.25 -9.94
N LEU A 123 1.45 19.19 -10.58
CA LEU A 123 2.82 18.69 -10.48
C LEU A 123 3.66 19.18 -11.63
N GLY A 124 3.09 19.99 -12.53
CA GLY A 124 3.81 20.49 -13.69
C GLY A 124 4.42 19.37 -14.50
N CYS A 125 3.69 18.29 -14.70
CA CYS A 125 4.20 17.13 -15.44
C CYS A 125 3.23 16.81 -16.56
N HIS A 126 3.59 15.81 -17.36
CA HIS A 126 2.73 15.34 -18.44
C HIS A 126 1.71 14.38 -17.86
N MET A 127 0.56 14.33 -18.49
CA MET A 127 -0.47 13.40 -18.07
C MET A 127 0.02 11.94 -18.13
N ASP A 128 0.98 11.63 -19.00
CA ASP A 128 1.49 10.26 -19.11
CA ASP A 128 1.50 10.27 -19.11
C ASP A 128 2.27 9.81 -17.86
N GLU A 129 2.56 10.71 -16.92
CA GLU A 129 3.20 10.22 -15.67
C GLU A 129 2.29 10.17 -14.47
N VAL A 130 0.99 10.30 -14.72
CA VAL A 130 -0.01 10.28 -13.69
C VAL A 130 -1.00 9.18 -14.04
N ASN A 131 -1.21 8.26 -13.11
CA ASN A 131 -2.22 7.24 -13.28
C ASN A 131 -3.13 7.28 -12.07
N VAL A 132 -4.45 7.23 -12.31
CA VAL A 132 -5.42 7.03 -11.25
C VAL A 132 -6.31 5.83 -11.59
N LYS A 133 -6.59 4.99 -10.59
CA LYS A 133 -7.39 3.78 -10.71
C LYS A 133 -8.47 3.81 -9.65
N ALA A 134 -9.52 3.04 -9.86
CA ALA A 134 -10.57 2.90 -8.84
C ALA A 134 -10.79 1.42 -8.64
N THR A 135 -11.10 1.06 -7.41
CA THR A 135 -11.29 -0.32 -7.08
C THR A 135 -12.33 -0.39 -5.96
N THR A 136 -13.11 -1.47 -5.92
CA THR A 136 -14.10 -1.65 -4.85
CA THR A 136 -14.13 -1.68 -4.90
C THR A 136 -13.74 -2.79 -3.94
N THR A 137 -14.32 -2.80 -2.76
CA THR A 137 -14.06 -3.88 -1.81
C THR A 137 -15.20 -4.87 -1.79
N GLU A 138 -16.00 -4.85 -2.84
CA GLU A 138 -17.13 -5.75 -3.02
C GLU A 138 -18.07 -5.77 -1.78
N LYS A 139 -18.45 -4.58 -1.31
CA LYS A 139 -19.36 -4.39 -0.20
C LYS A 139 -18.73 -4.81 1.13
N LEU A 140 -17.44 -5.10 1.19
CA LEU A 140 -16.83 -5.49 2.45
C LEU A 140 -16.09 -4.32 3.09
N GLY A 141 -16.06 -4.32 4.41
CA GLY A 141 -15.35 -3.34 5.17
C GLY A 141 -16.00 -1.97 5.14
N PHE A 142 -15.30 -1.00 5.71
CA PHE A 142 -15.92 0.31 5.85
C PHE A 142 -16.19 1.00 4.53
N THR A 143 -15.38 0.78 3.54
CA THR A 143 -15.63 1.35 2.21
C THR A 143 -16.79 0.55 1.55
N GLY A 144 -16.85 -0.76 1.78
CA GLY A 144 -17.86 -1.61 1.17
C GLY A 144 -19.23 -1.33 1.74
N ARG A 145 -19.30 -1.05 3.04
CA ARG A 145 -20.52 -0.63 3.68
C ARG A 145 -20.93 0.82 3.37
N GLY A 146 -20.13 1.56 2.63
CA GLY A 146 -20.46 2.92 2.21
C GLY A 146 -20.27 3.93 3.36
N GLU A 147 -19.36 3.61 4.27
CA GLU A 147 -19.14 4.49 5.42
C GLU A 147 -18.11 5.59 5.10
N GLY A 148 -17.26 5.33 4.12
CA GLY A 148 -16.19 6.25 3.76
C GLY A 148 -15.49 5.76 2.54
N ILE A 149 -14.45 6.47 2.18
CA ILE A 149 -13.66 6.23 0.97
C ILE A 149 -12.17 6.26 1.37
N ALA A 150 -11.37 5.36 0.81
CA ALA A 150 -9.93 5.33 1.11
C ALA A 150 -9.23 5.52 -0.18
N CYS A 151 -7.99 5.92 -0.11
CA CYS A 151 -7.15 6.02 -1.28
CA CYS A 151 -7.15 6.02 -1.29
C CYS A 151 -5.72 5.72 -0.90
N GLU A 152 -5.02 5.05 -1.80
CA GLU A 152 -3.58 4.79 -1.65
C GLU A 152 -2.89 5.44 -2.80
N ALA A 153 -1.58 5.61 -2.68
CA ALA A 153 -0.80 6.15 -3.78
C ALA A 153 0.65 5.68 -3.66
N VAL A 154 1.31 5.50 -4.80
CA VAL A 154 2.76 5.30 -4.81
C VAL A 154 3.35 6.36 -5.73
N ALA A 155 4.60 6.74 -5.48
CA ALA A 155 5.22 7.83 -6.24
C ALA A 155 6.68 7.48 -6.41
N LEU A 156 7.23 7.85 -7.55
CA LEU A 156 8.65 7.65 -7.80
C LEU A 156 9.19 9.02 -8.20
N LEU A 157 10.29 9.38 -7.56
CA LEU A 157 10.93 10.64 -7.77
C LEU A 157 12.35 10.39 -8.18
N MET A 158 12.91 11.38 -8.86
CA MET A 158 14.27 11.36 -9.24
C MET A 158 14.96 12.61 -8.72
N LYS A 159 16.13 12.38 -8.16
CA LYS A 159 16.97 13.49 -7.70
C LYS A 159 17.68 14.09 -8.89
N ALA B 3 14.92 5.44 -17.53
CA ALA B 3 13.60 5.78 -16.92
C ALA B 3 12.92 4.52 -16.41
N MET B 4 12.40 4.62 -15.18
CA MET B 4 11.71 3.57 -14.49
C MET B 4 10.39 4.08 -13.96
N ARG B 5 9.46 3.16 -13.70
CA ARG B 5 8.10 3.49 -13.33
C ARG B 5 7.58 2.57 -12.25
N ILE B 6 6.84 3.13 -11.31
CA ILE B 6 6.25 2.41 -10.20
CA ILE B 6 6.25 2.34 -10.25
C ILE B 6 4.72 2.35 -10.34
N GLY B 7 4.11 1.25 -9.89
CA GLY B 7 2.67 1.15 -9.82
C GLY B 7 2.21 0.31 -8.65
N HIS B 8 0.93 0.47 -8.31
CA HIS B 8 0.32 -0.16 -7.16
C HIS B 8 -1.07 -0.69 -7.49
N GLY B 9 -1.40 -1.87 -6.98
CA GLY B 9 -2.74 -2.43 -7.25
C GLY B 9 -3.32 -3.04 -6.00
N PHE B 10 -4.64 -3.09 -5.96
CA PHE B 10 -5.38 -3.53 -4.78
C PHE B 10 -6.65 -4.20 -5.24
N ASP B 11 -6.92 -5.39 -4.73
CA ASP B 11 -8.19 -6.06 -5.08
C ASP B 11 -8.72 -6.84 -3.87
N VAL B 12 -10.03 -7.06 -3.88
CA VAL B 12 -10.75 -7.76 -2.84
C VAL B 12 -11.81 -8.63 -3.45
N HIS B 13 -11.91 -9.88 -3.04
CA HIS B 13 -13.12 -10.62 -3.37
C HIS B 13 -13.72 -11.23 -2.10
N ALA B 14 -15.06 -11.28 -2.10
CA ALA B 14 -15.91 -11.78 -1.03
C ALA B 14 -16.05 -13.31 -1.13
N PHE B 15 -15.97 -13.94 0.04
CA PHE B 15 -16.24 -15.37 0.10
C PHE B 15 -17.69 -15.64 -0.19
N GLY B 16 -17.94 -16.72 -0.92
CA GLY B 16 -19.31 -17.23 -1.11
C GLY B 16 -19.22 -18.52 -1.89
N GLY B 17 -20.24 -19.35 -1.80
CA GLY B 17 -20.24 -20.62 -2.48
C GLY B 17 -19.17 -21.52 -1.91
N GLU B 18 -18.96 -22.65 -2.55
CA GLU B 18 -18.01 -23.64 -2.09
CA GLU B 18 -18.00 -23.64 -2.08
C GLU B 18 -16.65 -23.37 -2.74
N GLY B 19 -15.58 -23.77 -2.06
CA GLY B 19 -14.23 -23.63 -2.61
C GLY B 19 -13.92 -24.64 -3.72
N PRO B 20 -12.65 -24.71 -4.15
CA PRO B 20 -11.45 -23.98 -3.70
C PRO B 20 -11.43 -22.53 -4.15
N ILE B 21 -10.45 -21.76 -3.66
CA ILE B 21 -10.18 -20.43 -4.21
C ILE B 21 -8.98 -20.53 -5.15
N ILE B 22 -8.91 -19.65 -6.14
CA ILE B 22 -7.73 -19.51 -6.99
C ILE B 22 -7.03 -18.20 -6.65
N ILE B 23 -5.74 -18.30 -6.32
CA ILE B 23 -4.90 -17.17 -5.96
C ILE B 23 -3.50 -17.35 -6.57
N GLY B 24 -3.04 -16.35 -7.31
CA GLY B 24 -1.76 -16.47 -8.00
C GLY B 24 -1.81 -17.67 -8.91
N GLY B 25 -2.98 -17.97 -9.44
CA GLY B 25 -3.14 -19.15 -10.34
C GLY B 25 -3.08 -20.48 -9.62
N VAL B 26 -3.22 -20.52 -8.30
CA VAL B 26 -3.17 -21.79 -7.59
C VAL B 26 -4.48 -22.09 -6.87
N ARG B 27 -5.08 -23.25 -7.17
N ARG B 27 -5.07 -23.25 -7.17
CA ARG B 27 -6.29 -23.71 -6.50
CA ARG B 27 -6.29 -23.71 -6.50
C ARG B 27 -5.93 -24.12 -5.09
C ARG B 27 -5.93 -24.12 -5.09
N ILE B 28 -6.50 -23.42 -4.12
CA ILE B 28 -6.22 -23.68 -2.73
C ILE B 28 -7.50 -24.21 -2.16
N PRO B 29 -7.45 -25.42 -1.60
CA PRO B 29 -8.72 -25.90 -1.09
C PRO B 29 -9.15 -25.13 0.18
N TYR B 30 -10.46 -24.91 0.29
CA TYR B 30 -11.04 -24.23 1.45
C TYR B 30 -12.54 -24.55 1.55
N GLU B 31 -13.12 -24.41 2.75
CA GLU B 31 -14.57 -24.56 2.90
C GLU B 31 -15.30 -23.66 1.90
N LYS B 32 -14.82 -22.45 1.73
CA LYS B 32 -15.56 -21.48 0.93
C LYS B 32 -14.83 -21.12 -0.36
N GLY B 33 -15.61 -20.71 -1.37
CA GLY B 33 -15.05 -20.12 -2.59
C GLY B 33 -15.06 -18.59 -2.52
N LEU B 34 -14.68 -17.93 -3.59
CA LEU B 34 -14.72 -16.46 -3.65
C LEU B 34 -15.67 -16.03 -4.76
N LEU B 35 -16.61 -15.14 -4.44
CA LEU B 35 -17.54 -14.54 -5.41
C LEU B 35 -16.81 -13.57 -6.34
N ALA B 36 -17.11 -13.63 -7.63
CA ALA B 36 -16.47 -12.83 -8.65
C ALA B 36 -17.23 -12.94 -9.95
N HIS B 37 -16.87 -12.06 -10.89
CA HIS B 37 -17.38 -12.19 -12.26
C HIS B 37 -16.43 -13.14 -12.98
N SER B 38 -15.15 -12.78 -12.89
CA SER B 38 -14.06 -13.54 -13.47
C SER B 38 -13.81 -14.80 -12.62
N ASP B 39 -12.54 -15.20 -12.51
CA ASP B 39 -12.13 -16.28 -11.61
C ASP B 39 -11.88 -15.79 -10.18
N GLY B 40 -12.05 -14.50 -9.91
CA GLY B 40 -11.85 -13.98 -8.57
C GLY B 40 -10.41 -14.03 -8.06
N ASP B 41 -9.43 -14.17 -8.97
CA ASP B 41 -8.01 -14.22 -8.56
C ASP B 41 -7.51 -12.84 -8.12
N VAL B 42 -7.61 -12.61 -6.81
CA VAL B 42 -7.31 -11.32 -6.23
C VAL B 42 -5.85 -10.92 -6.37
N ALA B 43 -4.94 -11.88 -6.32
CA ALA B 43 -3.49 -11.63 -6.54
C ALA B 43 -3.23 -11.20 -7.96
N LEU B 44 -3.72 -11.96 -8.94
CA LEU B 44 -3.50 -11.54 -10.34
C LEU B 44 -4.17 -10.23 -10.71
N HIS B 45 -5.35 -9.94 -10.18
CA HIS B 45 -6.02 -8.67 -10.42
C HIS B 45 -5.17 -7.51 -9.88
N ALA B 46 -4.73 -7.64 -8.63
CA ALA B 46 -3.92 -6.58 -7.97
C ALA B 46 -2.62 -6.40 -8.68
N LEU B 47 -2.04 -7.53 -9.08
CA LEU B 47 -0.81 -7.50 -9.87
C LEU B 47 -1.03 -6.77 -11.19
N THR B 48 -2.13 -7.12 -11.87
CA THR B 48 -2.40 -6.52 -13.17
C THR B 48 -2.62 -5.02 -13.03
N ASP B 49 -3.33 -4.60 -11.99
CA ASP B 49 -3.53 -3.17 -11.84
C ASP B 49 -2.20 -2.42 -11.51
N ALA B 50 -1.28 -3.06 -10.81
CA ALA B 50 -0.01 -2.39 -10.45
C ALA B 50 0.75 -2.17 -11.73
N LEU B 51 0.74 -3.19 -12.60
CA LEU B 51 1.45 -3.11 -13.89
C LEU B 51 0.87 -2.07 -14.82
N LEU B 52 -0.46 -2.04 -14.96
CA LEU B 52 -1.12 -1.01 -15.78
C LEU B 52 -0.90 0.37 -15.21
N GLY B 53 -0.88 0.42 -13.88
CA GLY B 53 -0.69 1.69 -13.18
C GLY B 53 0.70 2.26 -13.42
N ALA B 54 1.73 1.39 -13.38
CA ALA B 54 3.13 1.82 -13.70
C ALA B 54 3.25 2.40 -15.10
N ALA B 55 2.56 1.77 -16.05
CA ALA B 55 2.48 2.18 -17.45
C ALA B 55 1.49 3.31 -17.76
N ALA B 56 0.80 3.83 -16.77
CA ALA B 56 -0.29 4.83 -16.94
C ALA B 56 -1.30 4.37 -18.00
N LEU B 57 -1.67 3.08 -17.98
CA LEU B 57 -2.71 2.53 -18.89
C LEU B 57 -4.07 2.39 -18.16
N GLY B 58 -4.20 2.96 -16.97
CA GLY B 58 -5.46 2.91 -16.27
C GLY B 58 -5.56 1.78 -15.26
N ASP B 59 -6.52 0.90 -15.47
CA ASP B 59 -6.78 -0.24 -14.57
C ASP B 59 -7.65 -1.31 -15.29
N ILE B 60 -7.76 -2.49 -14.70
CA ILE B 60 -8.55 -3.58 -15.27
C ILE B 60 -10.03 -3.15 -15.46
N GLY B 61 -10.57 -2.44 -14.46
CA GLY B 61 -11.91 -1.83 -14.56
C GLY B 61 -12.17 -1.05 -15.83
N LYS B 62 -11.20 -0.24 -16.27
CA LYS B 62 -11.34 0.55 -17.44
C LYS B 62 -11.14 -0.31 -18.67
N LEU B 63 -10.04 -1.08 -18.69
CA LEU B 63 -9.67 -1.92 -19.85
C LEU B 63 -10.58 -3.14 -20.08
N PHE B 64 -11.01 -3.78 -18.99
CA PHE B 64 -11.74 -5.03 -19.03
C PHE B 64 -13.01 -4.97 -18.15
N PRO B 65 -14.02 -4.19 -18.57
CA PRO B 65 -15.24 -4.00 -17.76
C PRO B 65 -16.04 -5.27 -17.31
N ASP B 66 -16.07 -5.56 -15.99
CA ASP B 66 -17.01 -6.56 -15.40
C ASP B 66 -18.36 -6.56 -16.11
N THR B 67 -18.82 -5.36 -16.44
CA THR B 67 -20.03 -5.16 -17.19
C THR B 67 -19.89 -5.85 -18.57
N ASP B 68 -19.00 -5.36 -19.42
CA ASP B 68 -18.86 -5.94 -20.77
C ASP B 68 -18.21 -7.31 -20.74
N ASP B 75 -11.19 -14.56 -17.60
CA ASP B 75 -10.28 -15.03 -16.54
C ASP B 75 -9.11 -14.03 -16.28
N SER B 76 -8.56 -14.10 -15.07
CA SER B 76 -7.53 -13.18 -14.60
C SER B 76 -6.14 -13.36 -15.27
N ARG B 77 -5.69 -14.61 -15.36
CA ARG B 77 -4.40 -14.92 -16.00
C ARG B 77 -4.36 -14.30 -17.42
N GLU B 78 -5.45 -14.42 -18.17
CA GLU B 78 -5.52 -13.84 -19.52
C GLU B 78 -5.57 -12.32 -19.48
N LEU B 79 -6.32 -11.78 -18.51
CA LEU B 79 -6.31 -10.35 -18.34
C LEU B 79 -4.88 -9.90 -18.10
N LEU B 80 -4.14 -10.62 -17.25
CA LEU B 80 -2.76 -10.24 -16.90
C LEU B 80 -1.93 -10.25 -18.15
N ARG B 81 -2.06 -11.33 -18.90
CA ARG B 81 -1.31 -11.51 -20.12
C ARG B 81 -1.67 -10.43 -21.11
N GLU B 82 -2.95 -10.12 -21.28
CA GLU B 82 -3.30 -9.07 -22.23
C GLU B 82 -2.79 -7.70 -21.78
N ALA B 83 -2.85 -7.44 -20.48
CA ALA B 83 -2.33 -6.20 -19.95
C ALA B 83 -0.84 -6.09 -20.23
N TRP B 84 -0.10 -7.18 -19.99
CA TRP B 84 1.34 -7.19 -20.16
C TRP B 84 1.72 -6.94 -21.63
N ARG B 85 1.02 -7.65 -22.53
CA ARG B 85 1.15 -7.42 -23.97
CA ARG B 85 1.15 -7.41 -23.96
C ARG B 85 1.10 -5.92 -24.29
N ARG B 86 0.04 -5.25 -23.86
CA ARG B 86 -0.10 -3.82 -24.14
C ARG B 86 1.04 -3.02 -23.52
N ILE B 87 1.38 -3.37 -22.29
CA ILE B 87 2.43 -2.65 -21.59
C ILE B 87 3.76 -2.82 -22.31
N GLN B 88 4.08 -4.04 -22.73
CA GLN B 88 5.32 -4.26 -23.50
C GLN B 88 5.22 -3.56 -24.85
N ALA B 89 4.01 -3.50 -25.40
CA ALA B 89 3.79 -2.79 -26.66
C ALA B 89 4.22 -1.32 -26.53
N LYS B 90 4.15 -0.79 -25.31
CA LYS B 90 4.54 0.59 -25.04
C LYS B 90 6.05 0.80 -24.76
N GLY B 91 6.86 -0.26 -24.88
CA GLY B 91 8.31 -0.20 -24.64
C GLY B 91 8.80 -0.50 -23.22
N TYR B 92 7.90 -0.87 -22.33
CA TYR B 92 8.28 -1.21 -20.96
C TYR B 92 8.76 -2.65 -20.87
N THR B 93 9.66 -2.89 -19.93
CA THR B 93 10.05 -4.22 -19.50
C THR B 93 9.97 -4.36 -17.98
N LEU B 94 9.92 -5.61 -17.49
CA LEU B 94 9.76 -5.86 -16.05
C LEU B 94 11.04 -5.51 -15.29
N GLY B 95 10.86 -4.92 -14.10
CA GLY B 95 11.95 -4.75 -13.16
C GLY B 95 11.73 -5.81 -12.12
N ASN B 96 10.71 -5.65 -11.27
CA ASN B 96 10.23 -6.77 -10.46
C ASN B 96 8.82 -6.54 -10.01
N VAL B 97 8.23 -7.53 -9.36
CA VAL B 97 6.90 -7.36 -8.76
C VAL B 97 6.95 -7.97 -7.39
N ASP B 98 6.12 -7.43 -6.52
CA ASP B 98 5.96 -7.97 -5.19
C ASP B 98 4.47 -7.86 -4.80
N VAL B 99 3.98 -8.90 -4.15
CA VAL B 99 2.57 -9.11 -3.98
C VAL B 99 2.36 -9.46 -2.51
N THR B 100 1.29 -8.95 -1.93
CA THR B 100 0.98 -9.16 -0.52
C THR B 100 -0.46 -9.57 -0.41
N ILE B 101 -0.68 -10.84 -0.07
CA ILE B 101 -1.98 -11.47 0.12
C ILE B 101 -2.37 -11.21 1.56
N ILE B 102 -3.55 -10.67 1.79
CA ILE B 102 -4.03 -10.36 3.12
C ILE B 102 -5.25 -11.25 3.38
N ALA B 103 -5.13 -12.17 4.32
CA ALA B 103 -6.09 -13.25 4.45
C ALA B 103 -5.91 -13.88 5.77
N GLN B 104 -7.01 -14.15 6.48
CA GLN B 104 -6.95 -14.90 7.72
C GLN B 104 -6.62 -16.37 7.49
N ALA B 105 -7.11 -16.90 6.39
CA ALA B 105 -7.03 -18.31 6.06
C ALA B 105 -7.60 -18.42 4.64
N PRO B 106 -7.25 -19.46 3.89
CA PRO B 106 -6.43 -20.59 4.26
C PRO B 106 -4.95 -20.21 4.30
N LYS B 107 -4.14 -21.17 4.69
CA LYS B 107 -2.67 -20.98 4.69
C LYS B 107 -2.22 -20.83 3.26
N MET B 108 -1.44 -19.79 3.01
CA MET B 108 -0.94 -19.47 1.67
C MET B 108 0.50 -19.95 1.42
N LEU B 109 1.31 -19.98 2.48
CA LEU B 109 2.77 -20.26 2.32
C LEU B 109 3.05 -21.51 1.49
N PRO B 110 2.27 -22.59 1.67
CA PRO B 110 2.55 -23.77 0.86
C PRO B 110 2.38 -23.55 -0.63
N HIS B 111 1.50 -22.63 -0.99
CA HIS B 111 1.08 -22.49 -2.38
C HIS B 111 1.87 -21.40 -3.12
N ILE B 112 2.53 -20.54 -2.35
CA ILE B 112 3.26 -19.39 -2.87
C ILE B 112 4.39 -19.68 -3.87
N PRO B 113 5.20 -20.71 -3.61
CA PRO B 113 6.23 -21.01 -4.61
C PRO B 113 5.66 -21.28 -5.99
N GLN B 114 4.57 -22.01 -6.05
CA GLN B 114 3.92 -22.26 -7.31
C GLN B 114 3.35 -20.97 -7.96
N MET B 115 2.81 -20.05 -7.14
CA MET B 115 2.25 -18.78 -7.67
C MET B 115 3.34 -17.96 -8.34
N ARG B 116 4.55 -18.00 -7.78
CA ARG B 116 5.67 -17.28 -8.38
C ARG B 116 5.99 -17.81 -9.77
N VAL B 117 6.00 -19.13 -9.87
CA VAL B 117 6.27 -19.81 -11.13
C VAL B 117 5.26 -19.38 -12.17
N PHE B 118 3.99 -19.46 -11.82
CA PHE B 118 2.93 -18.99 -12.73
C PHE B 118 2.99 -17.54 -13.16
N ILE B 119 3.23 -16.64 -12.21
CA ILE B 119 3.35 -15.25 -12.55
C ILE B 119 4.55 -15.06 -13.46
N ALA B 120 5.67 -15.72 -13.12
CA ALA B 120 6.90 -15.59 -13.91
C ALA B 120 6.64 -16.01 -15.36
N GLU B 121 5.94 -17.13 -15.50
CA GLU B 121 5.47 -17.59 -16.79
C GLU B 121 4.71 -16.48 -17.52
N ASP B 122 3.73 -15.89 -16.85
CA ASP B 122 2.82 -14.92 -17.48
C ASP B 122 3.48 -13.61 -17.87
N LEU B 123 4.52 -13.24 -17.14
CA LEU B 123 5.24 -12.04 -17.45
C LEU B 123 6.50 -12.33 -18.28
N GLY B 124 6.72 -13.62 -18.58
CA GLY B 124 7.89 -14.05 -19.38
C GLY B 124 9.22 -13.71 -18.73
N CYS B 125 9.27 -13.80 -17.41
CA CYS B 125 10.40 -13.29 -16.62
C CYS B 125 10.99 -14.40 -15.74
N HIS B 126 12.05 -14.07 -15.01
CA HIS B 126 12.63 -15.02 -14.09
C HIS B 126 11.90 -14.96 -12.76
N MET B 127 11.74 -16.12 -12.17
CA MET B 127 11.19 -16.27 -10.84
C MET B 127 11.82 -15.33 -9.80
N ASP B 128 13.10 -14.98 -9.95
CA ASP B 128 13.73 -14.13 -8.94
CA ASP B 128 13.82 -14.10 -9.02
C ASP B 128 13.31 -12.65 -9.10
N GLU B 129 12.54 -12.36 -10.15
CA GLU B 129 11.97 -11.04 -10.31
C GLU B 129 10.51 -11.00 -9.80
N VAL B 130 10.02 -12.07 -9.21
CA VAL B 130 8.65 -12.11 -8.69
C VAL B 130 8.66 -12.55 -7.25
N ASN B 131 8.05 -11.78 -6.35
CA ASN B 131 7.89 -12.22 -4.97
C ASN B 131 6.43 -12.19 -4.55
N VAL B 132 6.01 -13.11 -3.68
CA VAL B 132 4.66 -13.13 -3.15
C VAL B 132 4.72 -13.46 -1.65
N LYS B 133 3.91 -12.79 -0.85
CA LYS B 133 3.90 -12.93 0.60
C LYS B 133 2.47 -13.09 1.09
N ALA B 134 2.29 -13.65 2.32
CA ALA B 134 1.00 -13.68 3.00
C ALA B 134 1.09 -12.99 4.33
N THR B 135 0.03 -12.27 4.70
CA THR B 135 -0.02 -11.56 5.98
C THR B 135 -1.46 -11.64 6.54
N THR B 136 -1.57 -11.77 7.85
CA THR B 136 -2.89 -11.86 8.48
C THR B 136 -3.21 -10.53 9.17
N THR B 137 -4.52 -10.20 9.25
CA THR B 137 -4.97 -9.08 10.07
C THR B 137 -5.45 -9.50 11.49
N GLU B 138 -5.03 -10.70 11.91
CA GLU B 138 -5.20 -11.17 13.27
C GLU B 138 -6.66 -11.08 13.71
N LYS B 139 -7.52 -11.57 12.83
CA LYS B 139 -8.95 -11.67 13.09
C LYS B 139 -9.62 -10.29 13.06
N LEU B 140 -8.92 -9.23 12.60
CA LEU B 140 -9.56 -7.90 12.59
C LEU B 140 -10.02 -7.56 11.18
N GLY B 141 -11.09 -6.79 11.07
CA GLY B 141 -11.45 -6.25 9.76
C GLY B 141 -12.21 -7.31 8.97
N PHE B 142 -12.57 -7.01 7.74
CA PHE B 142 -13.36 -7.97 6.96
C PHE B 142 -12.54 -9.19 6.59
N THR B 143 -11.20 -9.04 6.44
CA THR B 143 -10.32 -10.18 6.14
C THR B 143 -10.17 -11.00 7.43
N GLY B 144 -10.00 -10.31 8.57
CA GLY B 144 -9.91 -10.97 9.84
C GLY B 144 -11.13 -11.82 10.18
N ARG B 145 -12.34 -11.36 9.82
CA ARG B 145 -13.57 -12.10 10.06
C ARG B 145 -13.81 -13.13 8.96
N GLY B 146 -12.91 -13.29 8.01
CA GLY B 146 -13.12 -14.29 6.96
C GLY B 146 -14.27 -13.95 6.00
N GLU B 147 -14.55 -12.65 5.83
CA GLU B 147 -15.60 -12.19 4.91
C GLU B 147 -15.05 -12.14 3.49
N GLY B 148 -13.77 -11.88 3.35
CA GLY B 148 -13.15 -11.97 2.06
C GLY B 148 -11.66 -11.97 2.17
N ILE B 149 -11.01 -11.94 1.02
CA ILE B 149 -9.57 -11.84 0.94
C ILE B 149 -9.21 -10.61 0.14
N ALA B 150 -8.11 -9.95 0.53
CA ALA B 150 -7.62 -8.79 -0.19
C ALA B 150 -6.20 -9.06 -0.65
N CYS B 151 -5.82 -8.36 -1.69
CA CYS B 151 -4.43 -8.42 -2.10
C CYS B 151 -3.90 -7.07 -2.65
N GLU B 152 -2.62 -6.81 -2.39
CA GLU B 152 -1.94 -5.62 -2.85
C GLU B 152 -0.78 -6.07 -3.68
N ALA B 153 -0.38 -5.26 -4.65
CA ALA B 153 0.83 -5.55 -5.39
C ALA B 153 1.52 -4.26 -5.71
N VAL B 154 2.85 -4.33 -5.85
CA VAL B 154 3.64 -3.24 -6.45
C VAL B 154 4.52 -3.75 -7.57
N ALA B 155 4.82 -2.88 -8.52
CA ALA B 155 5.64 -3.27 -9.66
C ALA B 155 6.55 -2.13 -10.03
N LEU B 156 7.71 -2.51 -10.54
CA LEU B 156 8.67 -1.58 -11.09
C LEU B 156 8.87 -1.99 -12.54
N LEU B 157 8.67 -1.04 -13.45
CA LEU B 157 8.90 -1.22 -14.86
C LEU B 157 10.10 -0.35 -15.27
N MET B 158 10.86 -0.81 -16.26
CA MET B 158 11.93 -0.01 -16.86
CA MET B 158 11.91 -0.01 -16.86
C MET B 158 11.62 0.19 -18.33
N LYS B 159 11.91 1.39 -18.81
CA LYS B 159 11.79 1.71 -20.21
C LYS B 159 13.18 1.74 -20.83
N ALA C 3 19.79 -1.46 -11.58
CA ALA C 3 19.18 -2.72 -11.05
C ALA C 3 18.43 -2.38 -9.79
N MET C 4 17.28 -1.76 -9.93
CA MET C 4 16.46 -1.39 -8.77
C MET C 4 15.37 -2.40 -8.54
N ARG C 5 14.94 -2.53 -7.29
CA ARG C 5 13.86 -3.44 -6.92
C ARG C 5 12.95 -2.79 -5.87
N ILE C 6 11.64 -3.01 -6.02
CA ILE C 6 10.63 -2.47 -5.12
C ILE C 6 10.05 -3.59 -4.28
N GLY C 7 9.60 -3.26 -3.10
CA GLY C 7 8.85 -4.16 -2.26
C GLY C 7 7.81 -3.44 -1.41
N HIS C 8 6.87 -4.22 -0.93
CA HIS C 8 5.70 -3.71 -0.21
C HIS C 8 5.49 -4.60 0.97
N GLY C 9 5.13 -4.04 2.10
CA GLY C 9 4.88 -4.81 3.32
C GLY C 9 3.66 -4.28 4.02
N PHE C 10 3.02 -5.15 4.80
CA PHE C 10 1.80 -4.81 5.52
C PHE C 10 1.73 -5.70 6.75
N ASP C 11 1.41 -5.12 7.90
CA ASP C 11 1.19 -5.89 9.13
C ASP C 11 0.09 -5.26 9.97
N VAL C 12 -0.47 -6.09 10.84
CA VAL C 12 -1.46 -5.69 11.83
C VAL C 12 -1.29 -6.40 13.16
N HIS C 13 -1.46 -5.68 14.28
CA HIS C 13 -1.71 -6.34 15.54
C HIS C 13 -2.86 -5.71 16.26
N ALA C 14 -3.51 -6.53 17.08
CA ALA C 14 -4.72 -6.15 17.83
C ALA C 14 -4.30 -5.58 19.16
N PHE C 15 -5.05 -4.61 19.68
CA PHE C 15 -4.76 -4.08 21.01
C PHE C 15 -5.30 -5.03 22.05
N GLY C 16 -4.65 -5.02 23.20
CA GLY C 16 -5.15 -5.73 24.39
C GLY C 16 -4.29 -5.34 25.59
N GLY C 17 -4.85 -5.46 26.78
CA GLY C 17 -4.10 -5.18 28.00
C GLY C 17 -3.72 -3.73 28.07
N GLU C 18 -2.64 -3.46 28.80
CA GLU C 18 -2.20 -2.11 29.06
C GLU C 18 -0.96 -1.84 28.24
N GLY C 19 -0.72 -0.56 28.00
CA GLY C 19 0.50 -0.13 27.29
C GLY C 19 1.72 -0.22 28.17
N PRO C 20 2.87 0.21 27.64
CA PRO C 20 3.08 0.87 26.35
C PRO C 20 3.06 -0.07 25.15
N ILE C 21 3.08 0.53 23.98
CA ILE C 21 3.26 -0.23 22.74
C ILE C 21 4.66 0.06 22.21
N ILE C 22 5.15 -0.78 21.33
CA ILE C 22 6.40 -0.57 20.65
C ILE C 22 6.17 -0.42 19.16
N ILE C 23 6.46 0.76 18.61
CA ILE C 23 6.29 1.01 17.18
C ILE C 23 7.57 1.67 16.61
N GLY C 24 8.08 1.12 15.54
CA GLY C 24 9.36 1.60 14.99
C GLY C 24 10.51 1.61 16.01
N GLY C 25 10.48 0.62 16.93
CA GLY C 25 11.47 0.43 17.95
C GLY C 25 11.29 1.32 19.17
N VAL C 26 10.30 2.22 19.12
CA VAL C 26 10.07 3.21 20.18
C VAL C 26 8.95 2.78 21.12
N ARG C 27 9.19 2.91 22.42
CA ARG C 27 8.19 2.58 23.45
CA ARG C 27 8.15 2.57 23.41
C ARG C 27 7.25 3.78 23.65
N ILE C 28 5.97 3.63 23.29
CA ILE C 28 5.03 4.71 23.28
C ILE C 28 3.94 4.49 24.36
N PRO C 29 3.77 5.41 25.29
CA PRO C 29 2.75 5.19 26.31
C PRO C 29 1.34 5.15 25.67
N TYR C 30 0.51 4.23 26.16
CA TYR C 30 -0.87 4.10 25.67
C TYR C 30 -1.72 3.32 26.67
N GLU C 31 -3.02 3.62 26.71
CA GLU C 31 -3.90 2.94 27.67
C GLU C 31 -3.92 1.42 27.35
N LYS C 32 -3.60 1.04 26.11
CA LYS C 32 -3.67 -0.37 25.69
C LYS C 32 -2.35 -0.83 25.18
N GLY C 33 -2.10 -2.14 25.24
CA GLY C 33 -0.90 -2.72 24.65
C GLY C 33 -1.25 -3.49 23.38
N LEU C 34 -0.27 -4.14 22.76
CA LEU C 34 -0.50 -4.91 21.53
C LEU C 34 -0.37 -6.41 21.78
N LEU C 35 -1.23 -7.21 21.14
CA LEU C 35 -1.23 -8.66 21.33
C LEU C 35 -0.35 -9.22 20.23
N ALA C 36 0.73 -9.91 20.57
CA ALA C 36 1.66 -10.47 19.60
C ALA C 36 2.61 -11.43 20.30
N HIS C 37 3.11 -12.37 19.48
CA HIS C 37 4.05 -13.35 19.91
C HIS C 37 5.38 -12.64 20.16
N SER C 38 5.79 -11.78 19.22
CA SER C 38 6.96 -10.91 19.34
C SER C 38 6.56 -9.67 20.14
N ASP C 39 7.37 -8.60 20.07
CA ASP C 39 6.99 -7.34 20.72
C ASP C 39 5.82 -6.62 20.06
N GLY C 40 5.36 -7.09 18.90
CA GLY C 40 4.17 -6.53 18.26
C GLY C 40 4.43 -5.28 17.42
N ASP C 41 5.67 -5.06 17.01
CA ASP C 41 6.03 -3.84 16.30
C ASP C 41 5.56 -3.91 14.86
N VAL C 42 4.38 -3.34 14.62
CA VAL C 42 3.75 -3.46 13.31
CA VAL C 42 3.73 -3.44 13.31
C VAL C 42 4.57 -2.74 12.26
N ALA C 43 5.18 -1.60 12.63
CA ALA C 43 5.95 -0.82 11.68
C ALA C 43 7.22 -1.55 11.19
N LEU C 44 7.95 -2.18 12.10
CA LEU C 44 9.16 -2.85 11.72
C LEU C 44 8.81 -4.14 11.01
N HIS C 45 7.70 -4.79 11.38
CA HIS C 45 7.27 -5.98 10.64
C HIS C 45 6.97 -5.60 9.18
N ALA C 46 6.13 -4.59 8.99
CA ALA C 46 5.79 -4.20 7.62
C ALA C 46 7.06 -3.84 6.86
N LEU C 47 7.95 -3.09 7.50
CA LEU C 47 9.17 -2.69 6.81
C LEU C 47 10.00 -3.90 6.43
N THR C 48 10.10 -4.86 7.36
CA THR C 48 10.93 -6.01 7.10
C THR C 48 10.35 -6.76 5.88
N ASP C 49 9.03 -6.83 5.78
CA ASP C 49 8.43 -7.58 4.68
C ASP C 49 8.67 -6.85 3.37
N ALA C 50 8.68 -5.52 3.38
CA ALA C 50 8.94 -4.77 2.17
C ALA C 50 10.34 -5.00 1.65
N LEU C 51 11.29 -4.99 2.59
CA LEU C 51 12.69 -5.23 2.25
C LEU C 51 12.86 -6.64 1.72
N LEU C 52 12.36 -7.64 2.45
CA LEU C 52 12.43 -9.05 1.99
C LEU C 52 11.74 -9.24 0.64
N GLY C 53 10.63 -8.52 0.43
CA GLY C 53 9.89 -8.58 -0.83
C GLY C 53 10.64 -8.02 -2.04
N ALA C 54 11.29 -6.86 -1.85
CA ALA C 54 12.18 -6.31 -2.88
C ALA C 54 13.27 -7.29 -3.25
N ALA C 55 13.78 -8.02 -2.26
CA ALA C 55 14.90 -8.95 -2.43
C ALA C 55 14.47 -10.34 -2.92
N ALA C 56 13.17 -10.53 -3.15
CA ALA C 56 12.64 -11.83 -3.54
C ALA C 56 13.10 -12.88 -2.54
N LEU C 57 13.00 -12.55 -1.24
CA LEU C 57 13.33 -13.51 -0.18
C LEU C 57 12.13 -13.96 0.66
N GLY C 58 10.92 -13.71 0.23
CA GLY C 58 9.78 -14.36 0.90
C GLY C 58 9.11 -13.37 1.80
N ASP C 59 8.99 -13.71 3.10
CA ASP C 59 8.30 -12.89 4.12
C ASP C 59 8.61 -13.28 5.59
N ILE C 60 8.21 -12.45 6.54
CA ILE C 60 8.49 -12.74 7.95
C ILE C 60 7.65 -13.89 8.54
N GLY C 61 6.56 -14.25 7.89
CA GLY C 61 5.77 -15.42 8.31
C GLY C 61 6.53 -16.69 8.03
N LYS C 62 7.37 -16.65 7.01
CA LYS C 62 8.23 -17.77 6.68
C LYS C 62 9.48 -17.77 7.55
N LEU C 63 10.12 -16.61 7.64
CA LEU C 63 11.39 -16.47 8.37
C LEU C 63 11.28 -16.46 9.91
N PHE C 64 10.21 -15.88 10.43
CA PHE C 64 10.09 -15.73 11.84
C PHE C 64 8.74 -16.14 12.38
N PRO C 65 8.35 -17.43 12.17
CA PRO C 65 6.99 -17.89 12.49
C PRO C 65 6.64 -17.84 13.97
N ASP C 66 5.39 -17.45 14.24
CA ASP C 66 4.86 -17.41 15.60
C ASP C 66 4.84 -18.74 16.32
N THR C 67 4.89 -19.83 15.57
CA THR C 67 4.98 -21.14 16.16
C THR C 67 6.35 -21.39 16.80
N ASP C 68 7.37 -20.62 16.41
CA ASP C 68 8.70 -20.90 16.89
C ASP C 68 8.91 -20.17 18.22
N PRO C 69 9.06 -20.94 19.31
CA PRO C 69 9.26 -20.32 20.62
C PRO C 69 10.48 -19.38 20.74
N ALA C 70 11.48 -19.51 19.86
CA ALA C 70 12.63 -18.58 19.84
C ALA C 70 12.18 -17.11 19.71
N PHE C 71 11.06 -16.87 19.03
CA PHE C 71 10.62 -15.49 18.78
C PHE C 71 9.65 -14.95 19.83
N LYS C 72 9.36 -15.72 20.87
CA LYS C 72 8.48 -15.23 21.92
C LYS C 72 9.08 -13.94 22.55
N GLY C 73 8.42 -12.81 22.39
CA GLY C 73 8.94 -11.54 22.90
C GLY C 73 10.12 -10.98 22.10
N ALA C 74 10.38 -11.50 20.91
CA ALA C 74 11.46 -11.00 20.05
C ALA C 74 11.39 -9.47 19.90
N ASP C 75 12.54 -8.85 20.09
CA ASP C 75 12.77 -7.49 19.69
C ASP C 75 12.66 -7.50 18.14
N SER C 76 11.67 -6.79 17.61
CA SER C 76 11.47 -6.76 16.16
C SER C 76 12.61 -6.08 15.41
N ARG C 77 13.42 -5.25 16.08
CA ARG C 77 14.64 -4.75 15.46
C ARG C 77 15.67 -5.84 15.12
N GLU C 78 15.76 -6.87 15.95
CA GLU C 78 16.66 -8.00 15.67
CA GLU C 78 16.71 -7.95 15.64
C GLU C 78 16.18 -8.72 14.44
N LEU C 79 14.87 -8.92 14.37
CA LEU C 79 14.31 -9.57 13.21
C LEU C 79 14.64 -8.73 11.95
N LEU C 80 14.54 -7.41 12.06
CA LEU C 80 14.83 -6.52 10.92
C LEU C 80 16.30 -6.65 10.49
N ARG C 81 17.17 -6.60 11.49
CA ARG C 81 18.60 -6.64 11.20
C ARG C 81 18.96 -7.96 10.56
N GLU C 82 18.34 -9.04 11.03
CA GLU C 82 18.66 -10.38 10.52
C GLU C 82 18.18 -10.50 9.07
N ALA C 83 16.99 -9.95 8.78
CA ALA C 83 16.52 -9.89 7.39
C ALA C 83 17.48 -9.08 6.52
N TRP C 84 17.93 -7.95 7.05
CA TRP C 84 18.78 -7.05 6.30
C TRP C 84 20.15 -7.72 5.98
N ARG C 85 20.72 -8.43 6.95
CA ARG C 85 21.96 -9.22 6.74
CA ARG C 85 21.90 -9.27 6.80
C ARG C 85 21.71 -10.23 5.61
N ARG C 86 20.58 -10.92 5.61
CA ARG C 86 20.31 -11.86 4.48
C ARG C 86 20.21 -11.14 3.13
N ILE C 87 19.54 -10.00 3.15
CA ILE C 87 19.37 -9.16 1.96
C ILE C 87 20.72 -8.63 1.45
N GLN C 88 21.58 -8.20 2.36
CA GLN C 88 22.88 -7.69 1.97
C GLN C 88 23.80 -8.79 1.43
N ALA C 89 23.70 -9.97 2.04
CA ALA C 89 24.45 -11.14 1.57
C ALA C 89 24.03 -11.45 0.13
N LYS C 90 22.83 -11.05 -0.27
CA LYS C 90 22.41 -11.20 -1.67
C LYS C 90 22.92 -10.15 -2.66
N GLY C 91 23.59 -9.12 -2.15
CA GLY C 91 24.17 -8.10 -3.00
C GLY C 91 23.28 -6.89 -3.19
N TYR C 92 22.31 -6.71 -2.30
CA TYR C 92 21.52 -5.51 -2.31
C TYR C 92 22.04 -4.43 -1.36
N THR C 93 21.88 -3.19 -1.81
CA THR C 93 22.07 -2.00 -1.01
C THR C 93 20.73 -1.20 -0.93
N LEU C 94 20.61 -0.38 0.12
CA LEU C 94 19.43 0.38 0.39
C LEU C 94 19.31 1.54 -0.56
N GLY C 95 18.12 1.72 -1.15
CA GLY C 95 17.82 2.96 -1.83
C GLY C 95 17.12 3.89 -0.88
N ASN C 96 15.87 3.57 -0.55
CA ASN C 96 15.13 4.26 0.49
C ASN C 96 13.94 3.42 0.94
N VAL C 97 13.37 3.80 2.07
CA VAL C 97 12.16 3.17 2.57
C VAL C 97 11.21 4.27 3.03
N ASP C 98 9.90 3.98 2.97
CA ASP C 98 8.85 4.89 3.42
C ASP C 98 7.81 3.98 4.11
N VAL C 99 7.38 4.40 5.29
CA VAL C 99 6.54 3.60 6.14
C VAL C 99 5.29 4.44 6.40
N THR C 100 4.17 3.75 6.52
CA THR C 100 2.86 4.39 6.73
C THR C 100 2.13 3.71 7.88
N ILE C 101 2.12 4.33 9.07
CA ILE C 101 1.45 3.76 10.24
C ILE C 101 -0.02 4.15 10.13
N ILE C 102 -0.92 3.19 10.33
CA ILE C 102 -2.36 3.42 10.21
C ILE C 102 -2.96 3.17 11.58
N ALA C 103 -3.34 4.27 12.23
CA ALA C 103 -3.76 4.23 13.62
C ALA C 103 -4.65 5.40 13.97
N GLN C 104 -5.65 5.13 14.81
CA GLN C 104 -6.46 6.16 15.37
C GLN C 104 -5.72 6.88 16.48
N ALA C 105 -4.95 6.09 17.24
CA ALA C 105 -4.23 6.55 18.45
C ALA C 105 -3.30 5.41 18.86
N PRO C 106 -2.23 5.70 19.62
CA PRO C 106 -1.83 6.99 20.14
C PRO C 106 -1.21 7.85 19.03
N LYS C 107 -0.88 9.08 19.38
CA LYS C 107 -0.19 10.01 18.48
C LYS C 107 1.26 9.46 18.19
N MET C 108 1.59 9.39 16.92
CA MET C 108 2.81 8.83 16.42
C MET C 108 3.84 9.89 16.09
N LEU C 109 3.36 11.06 15.68
CA LEU C 109 4.22 12.11 15.20
C LEU C 109 5.42 12.45 16.18
N PRO C 110 5.16 12.55 17.49
CA PRO C 110 6.25 12.82 18.45
C PRO C 110 7.40 11.82 18.41
N HIS C 111 7.10 10.61 17.97
CA HIS C 111 7.99 9.48 18.06
C HIS C 111 8.70 9.17 16.77
N ILE C 112 8.26 9.79 15.69
CA ILE C 112 8.80 9.43 14.39
C ILE C 112 10.30 9.75 14.25
N PRO C 113 10.78 10.85 14.83
CA PRO C 113 12.21 11.13 14.66
C PRO C 113 13.07 10.01 15.30
N GLN C 114 12.62 9.46 16.43
CA GLN C 114 13.42 8.36 17.04
C GLN C 114 13.31 7.08 16.23
N MET C 115 12.12 6.84 15.69
CA MET C 115 11.95 5.70 14.83
C MET C 115 12.96 5.76 13.69
N ARG C 116 13.10 6.93 13.09
CA ARG C 116 13.96 7.07 11.92
C ARG C 116 15.43 6.82 12.30
N VAL C 117 15.82 7.27 13.49
CA VAL C 117 17.17 7.00 14.06
C VAL C 117 17.34 5.48 14.18
N PHE C 118 16.36 4.81 14.81
CA PHE C 118 16.49 3.36 14.97
C PHE C 118 16.60 2.61 13.65
N ILE C 119 15.72 2.94 12.71
CA ILE C 119 15.68 2.22 11.44
C ILE C 119 17.00 2.47 10.67
N ALA C 120 17.46 3.73 10.63
CA ALA C 120 18.65 4.12 9.91
C ALA C 120 19.87 3.33 10.47
N GLU C 121 19.95 3.27 11.79
CA GLU C 121 21.02 2.53 12.45
CA GLU C 121 21.00 2.53 12.49
C GLU C 121 20.89 1.07 12.09
N ASP C 122 19.67 0.52 12.18
CA ASP C 122 19.49 -0.91 11.87
C ASP C 122 19.76 -1.27 10.41
N LEU C 123 19.58 -0.32 9.49
CA LEU C 123 19.85 -0.58 8.10
C LEU C 123 21.23 -0.14 7.66
N GLY C 124 21.99 0.52 8.53
CA GLY C 124 23.32 1.02 8.18
C GLY C 124 23.23 2.20 7.23
N CYS C 125 22.13 2.98 7.27
CA CYS C 125 21.97 4.03 6.23
C CYS C 125 21.86 5.42 6.77
N HIS C 126 21.79 6.42 5.92
CA HIS C 126 21.52 7.76 6.42
C HIS C 126 20.03 7.91 6.71
N MET C 127 19.68 8.72 7.69
CA MET C 127 18.27 8.81 7.96
C MET C 127 17.51 9.59 6.88
N ASP C 128 18.23 10.30 6.01
CA ASP C 128 17.61 10.88 4.83
C ASP C 128 17.02 9.82 3.90
N GLU C 129 17.38 8.56 4.11
CA GLU C 129 16.85 7.49 3.30
C GLU C 129 15.66 6.81 3.96
N VAL C 130 15.19 7.33 5.09
CA VAL C 130 14.13 6.70 5.86
C VAL C 130 13.08 7.70 6.12
N ASN C 131 11.84 7.35 5.77
CA ASN C 131 10.70 8.16 6.12
C ASN C 131 9.65 7.33 6.82
N VAL C 132 9.04 7.91 7.84
CA VAL C 132 7.90 7.31 8.51
C VAL C 132 6.79 8.33 8.63
N LYS C 133 5.58 7.85 8.34
CA LYS C 133 4.36 8.69 8.32
C LYS C 133 3.28 8.07 9.17
N ALA C 134 2.33 8.86 9.64
CA ALA C 134 1.16 8.29 10.33
C ALA C 134 -0.12 8.87 9.70
N THR C 135 -1.19 8.06 9.70
CA THR C 135 -2.45 8.41 9.03
C THR C 135 -3.60 7.70 9.77
N THR C 136 -4.69 8.42 9.98
CA THR C 136 -5.85 7.90 10.68
CA THR C 136 -5.86 7.89 10.69
C THR C 136 -6.95 7.48 9.73
N THR C 137 -7.78 6.54 10.17
CA THR C 137 -8.96 6.14 9.39
C THR C 137 -10.24 6.74 9.93
N GLU C 138 -10.07 7.73 10.80
CA GLU C 138 -11.12 8.65 11.18
C GLU C 138 -12.29 7.87 11.79
N LYS C 139 -11.98 6.96 12.71
CA LYS C 139 -13.00 6.22 13.43
C LYS C 139 -13.64 5.13 12.64
N LEU C 140 -13.26 4.98 11.37
CA LEU C 140 -13.69 3.86 10.55
C LEU C 140 -12.82 2.61 10.61
N GLY C 141 -13.48 1.47 10.49
CA GLY C 141 -12.77 0.24 10.37
C GLY C 141 -12.14 -0.20 11.69
N PHE C 142 -11.41 -1.27 11.66
CA PHE C 142 -10.87 -1.83 12.89
C PHE C 142 -9.86 -0.91 13.59
N THR C 143 -9.08 -0.17 12.80
CA THR C 143 -8.18 0.86 13.33
C THR C 143 -8.93 2.03 13.88
N GLY C 144 -9.93 2.49 13.14
CA GLY C 144 -10.82 3.57 13.57
C GLY C 144 -11.50 3.30 14.89
N ARG C 145 -11.93 2.04 15.09
CA ARG C 145 -12.68 1.68 16.30
C ARG C 145 -11.69 1.34 17.43
N GLY C 146 -10.39 1.42 17.15
CA GLY C 146 -9.39 1.23 18.20
C GLY C 146 -9.18 -0.22 18.58
N GLU C 147 -9.40 -1.12 17.60
CA GLU C 147 -9.27 -2.53 17.78
C GLU C 147 -7.83 -2.98 17.51
N GLY C 148 -7.07 -2.18 16.77
CA GLY C 148 -5.69 -2.51 16.45
C GLY C 148 -5.03 -1.45 15.64
N ILE C 149 -3.80 -1.74 15.24
CA ILE C 149 -2.98 -0.83 14.45
C ILE C 149 -2.47 -1.58 13.24
N ALA C 150 -2.40 -0.88 12.13
CA ALA C 150 -1.86 -1.44 10.94
C ALA C 150 -0.66 -0.58 10.49
N CYS C 151 0.17 -1.18 9.67
CA CYS C 151 1.22 -0.43 9.06
CA CYS C 151 1.29 -0.46 9.10
C CYS C 151 1.57 -1.04 7.72
N GLU C 152 1.95 -0.14 6.79
CA GLU C 152 2.38 -0.48 5.46
C GLU C 152 3.77 0.04 5.22
N ALA C 153 4.49 -0.57 4.31
CA ALA C 153 5.78 0.02 3.94
C ALA C 153 6.10 -0.25 2.54
N VAL C 154 6.88 0.66 1.92
CA VAL C 154 7.53 0.35 0.62
C VAL C 154 9.05 0.46 0.75
N ALA C 155 9.77 -0.33 -0.02
CA ALA C 155 11.25 -0.32 -0.01
C ALA C 155 11.79 -0.32 -1.43
N LEU C 156 12.83 0.47 -1.67
CA LEU C 156 13.57 0.40 -2.88
C LEU C 156 15.04 -0.04 -2.59
N LEU C 157 15.48 -1.09 -3.26
CA LEU C 157 16.85 -1.60 -3.20
C LEU C 157 17.54 -1.51 -4.52
N MET C 158 18.88 -1.60 -4.47
CA MET C 158 19.72 -1.65 -5.67
C MET C 158 20.66 -2.84 -5.62
N LYS C 159 20.94 -3.41 -6.80
CA LYS C 159 22.06 -4.39 -6.98
C LYS C 159 23.29 -3.68 -7.48
C1 GOL D . -3.81 16.37 7.29
O1 GOL D . -3.61 15.22 8.08
C2 GOL D . -5.13 16.24 6.55
O2 GOL D . -6.21 16.32 7.47
C3 GOL D . -5.19 17.28 5.41
O3 GOL D . -6.10 18.29 5.67
MG MG E . -6.16 11.80 6.67
MG MG F . -2.45 -0.87 1.26
P1 POP G . -11.99 -2.95 7.76
P1 POP G . -12.34 -2.78 7.66
O1 POP G . -10.83 -2.10 8.20
O1 POP G . -12.07 -2.54 6.19
O2 POP G . -12.79 -2.11 6.80
O2 POP G . -12.10 -4.23 7.89
O3 POP G . -11.49 -4.22 7.12
O3 POP G . -11.50 -1.94 8.59
O POP G . -12.68 -3.24 9.16
O POP G . -13.85 -2.40 8.02
P2 POP G . -14.27 -3.43 9.41
P2 POP G . -14.63 -3.09 9.24
O4 POP G . -14.77 -4.08 8.17
O4 POP G . -13.75 -3.72 10.29
O5 POP G . -14.74 -2.03 9.63
O5 POP G . -15.55 -4.13 8.67
O6 POP G . -14.31 -4.33 10.62
O6 POP G . -15.39 -1.99 9.94
MG MG H . -11.93 -6.04 -7.91
C1 GOL I . 6.79 -12.00 13.61
O1 GOL I . 6.72 -12.18 15.03
C2 GOL I . 5.43 -12.21 12.93
O2 GOL I . 4.41 -12.64 13.86
C3 GOL I . 5.60 -13.05 11.65
O3 GOL I . 4.38 -13.57 11.12
MG MG J . 1.79 -10.01 11.26
#